data_1P58
#
_entry.id   1P58
#
loop_
_entity.id
_entity.type
_entity.pdbx_description
1 polymer 'Major envelope protein E'
2 polymer 'Envelope protein M'
#
loop_
_entity_poly.entity_id
_entity_poly.type
_entity_poly.pdbx_seq_one_letter_code
_entity_poly.pdbx_strand_id
1 'polypeptide(L)'
;MRCIGISNRDFVEGVSGGSWVDIVLEHGSCVTTMAKNKPTLDFELIKTEAKQPATLRKYCIEAKLTNTTTDSRCPTQGEP
TLNEEQDKRFVCKHSMVDRGWGNGCGLFGKGGIVTCAMFTCKKNMEGKIVQPENLEYTVVITPHSGEEHAVGNDTGKHGK
EVKITPQSSITEAELTGYGTVTMECSPRTGLDFNEMVLLQMKDKAWLVHRQWFLDLPLPWLPGADTQGSNWIQKETLVTF
KNPHAKKQDVVVLGSQEGAMHTALTGATEIQMSSGNLLFTGHLKCRLRMDKLQLKGMSYSMCTGKFKVVKEIAETQHGTI
VIRVQYEGDGSPCKIPFEIMDLEKRHVLGRLITVNPIVTEKDSPVNIEAEPPFGDSYIIIGVEPGQLKLDWFKKGSSIGQ
MFETTMRGAKRMAILGDTAWDFGSLGGVFTSIGKALHQVFGAIYGAAFSGVSWTMKILIGVIITWIGMNSRSTSLSVSLV
LVGIVTLYLGVMVQA
;
A,B,C
2 'polypeptide(L)' SVALVPHVGMGLETRTETWMSSEGAWKHAQRIETWILRHPGFTIMAAILAYTIGTTHFQRVLIFILLTAIAPSMT D,E,F
#
# COMPACT_ATOMS: atom_id res chain seq x y z
CA MET A 1 24.88 54.24 27.70
CA ARG A 2 22.53 51.35 26.85
CA CYS A 3 25.09 48.60 26.77
CA ILE A 4 26.15 49.36 30.41
CA GLY A 5 22.73 47.89 31.26
CA ILE A 6 23.67 44.28 30.38
CA SER A 7 26.41 41.76 31.27
CA ASN A 8 26.80 40.61 27.65
CA ARG A 9 28.71 43.49 26.06
CA ASP A 10 31.38 43.63 23.36
CA PHE A 11 33.73 46.44 22.39
CA VAL A 12 34.56 47.09 18.74
CA GLU A 13 37.24 49.60 17.85
CA GLY A 14 38.15 51.16 14.51
CA VAL A 15 41.63 52.74 14.15
CA SER A 16 43.00 55.21 11.55
CA GLY A 17 41.23 54.91 8.20
CA GLY A 18 38.63 52.46 9.60
CA SER A 19 35.39 53.86 8.11
CA TRP A 20 33.36 50.61 8.03
CA VAL A 21 32.81 48.06 10.78
CA ASP A 22 31.42 44.52 10.54
CA ILE A 23 29.69 43.22 13.66
CA VAL A 24 27.90 40.01 14.65
CA LEU A 25 24.94 41.13 16.75
CA GLU A 26 23.18 38.60 18.95
CA HIS A 27 19.95 38.94 20.82
CA GLY A 28 20.60 39.71 24.46
CA SER A 29 23.96 41.33 23.57
CA CYS A 30 25.18 44.85 22.98
CA VAL A 31 28.14 46.34 21.15
CA THR A 32 29.98 49.57 21.88
CA THR A 33 31.74 50.97 18.90
CA MET A 34 34.52 53.49 19.40
CA ALA A 35 36.66 55.09 16.68
CA LYS A 36 39.13 57.96 16.46
CA ASN A 37 37.44 61.28 15.67
CA LYS A 38 33.99 59.60 15.77
CA PRO A 39 31.25 59.84 18.46
CA THR A 40 30.96 56.40 20.15
CA LEU A 41 27.83 54.35 19.46
CA ASP A 42 25.94 51.45 21.01
CA PHE A 43 24.28 48.97 18.73
CA GLU A 44 22.37 45.76 19.26
CA LEU A 45 19.92 43.37 17.75
CA ILE A 46 16.66 43.94 19.63
CA LYS A 47 14.25 41.46 18.09
CA THR A 48 13.64 38.73 15.52
CA GLU A 49 10.02 37.98 14.58
CA ALA A 50 7.39 37.40 11.91
CA LYS A 51 3.80 38.63 12.08
CA GLN A 52 1.10 36.01 11.48
CA PRO A 53 3.43 33.05 10.64
CA ALA A 54 1.72 30.20 8.74
CA THR A 55 0.18 27.60 11.05
CA LEU A 56 0.88 23.91 10.58
CA ARG A 57 -1.04 21.26 12.53
CA LYS A 58 -3.01 21.92 15.66
CA TYR A 59 -2.99 19.19 18.30
CA CYS A 60 -5.53 18.45 21.00
CA ILE A 61 -4.20 17.96 24.49
CA GLU A 62 -7.50 17.19 26.22
CA ALA A 63 -10.40 15.54 24.47
CA LYS A 64 -13.99 16.57 25.25
CA LEU A 65 -16.25 13.54 24.76
CA THR A 66 -20.04 13.57 24.58
CA ASN A 67 -23.11 11.65 23.34
CA THR A 68 -21.86 8.11 24.02
CA THR A 69 -24.01 5.69 21.99
CA THR A 70 -24.08 1.89 22.06
CA ASP A 71 -25.77 -0.64 19.78
CA SER A 72 -25.82 -4.39 20.44
CA ARG A 73 -27.36 -7.36 18.64
CA CYS A 74 -28.15 -10.91 19.67
CA PRO A 75 -26.00 -13.81 18.29
CA THR A 76 -28.28 -14.34 15.23
CA GLN A 77 -29.32 -10.70 14.62
CA GLY A 78 -26.18 -9.83 12.57
CA GLU A 79 -23.98 -6.73 12.86
CA PRO A 80 -24.84 -3.87 15.27
CA THR A 81 -24.50 -0.48 13.61
CA LEU A 82 -24.75 3.14 14.40
CA ASN A 83 -24.99 6.27 12.07
CA GLU A 84 -21.97 7.84 13.96
CA GLU A 85 -19.73 5.01 12.62
CA GLN A 86 -19.84 6.94 9.32
CA ASP A 87 -19.65 10.50 10.67
CA LYS A 88 -16.35 12.32 11.16
CA ARG A 89 -15.87 13.75 14.72
CA PHE A 90 -16.72 10.38 16.28
CA VAL A 91 -14.57 7.60 17.73
CA CYS A 92 -16.05 4.13 17.67
CA LYS A 93 -15.09 0.58 18.59
CA HIS A 94 -16.77 -2.60 17.35
CA SER A 95 -16.47 -5.75 19.47
CA MET A 96 -18.42 -8.80 20.69
CA VAL A 97 -20.18 -9.36 24.00
CA ASP A 98 -21.40 -12.53 25.68
CA ARG A 99 -25.18 -12.84 25.26
CA GLY A 100 -27.84 -15.33 26.37
CA TRP A 101 -31.25 -15.64 28.05
CA GLY A 102 -29.89 -13.46 30.91
CA ASN A 103 -29.80 -10.44 28.55
CA GLY A 104 -32.82 -11.33 26.36
CA CYS A 105 -31.26 -13.36 23.51
CA GLY A 106 -32.66 -16.62 22.10
CA LEU A 107 -29.15 -18.12 21.97
CA PHE A 108 -26.11 -18.09 24.24
CA GLY A 109 -23.05 -16.86 22.34
CA LYS A 110 -21.24 -13.84 20.93
CA GLY A 111 -23.32 -10.81 19.94
CA GLY A 112 -22.11 -7.83 17.95
CA ILE A 113 -21.68 -4.55 19.84
CA VAL A 114 -20.51 -1.07 18.78
CA THR A 115 -19.93 2.07 20.84
CA CYS A 116 -19.24 5.60 19.67
CA ALA A 117 -18.49 8.95 21.23
CA MET A 118 -18.34 12.44 19.73
CA PHE A 119 -14.83 13.76 20.08
CA THR A 120 -13.99 17.45 20.30
CA CYS A 121 -10.97 19.28 21.65
CA LYS A 122 -10.82 21.02 24.98
CA LYS A 123 -7.38 22.74 24.61
CA ASN A 124 -4.76 23.10 21.75
CA MET A 125 -1.05 22.94 20.90
CA GLU A 126 -0.44 24.81 17.64
CA GLY A 127 2.73 24.91 15.53
CA LYS A 128 3.89 27.84 13.38
CA ILE A 129 6.56 28.02 10.67
CA VAL A 130 8.62 31.03 9.63
CA GLN A 131 9.03 32.32 6.08
CA PRO A 132 12.64 33.62 5.69
CA GLU A 133 11.27 36.30 3.28
CA ASN A 134 8.83 37.70 5.91
CA LEU A 135 10.96 37.51 9.09
CA GLU A 136 11.98 40.82 10.71
CA TYR A 137 15.17 41.78 12.43
CA THR A 138 15.20 44.96 14.45
CA VAL A 139 18.41 46.78 15.34
CA VAL A 140 18.78 49.82 17.59
CA ILE A 141 21.48 52.46 17.63
CA THR A 142 22.22 54.90 20.46
CA PRO A 143 24.86 57.69 20.42
CA HIS A 144 27.15 58.32 23.41
CA SER A 145 25.89 61.78 24.45
CA GLY A 146 27.46 61.79 27.96
CA GLU A 147 23.91 62.26 29.33
CA GLU A 148 23.52 62.28 33.12
CA HIS A 149 21.14 59.36 32.47
CA ALA A 150 19.80 56.85 31.36
CA VAL A 151 18.51 53.94 33.37
CA GLY A 152 17.04 50.80 31.72
CA ASN A 153 13.46 51.92 32.56
CA ASP A 154 14.09 55.31 30.86
CA THR A 155 14.12 56.24 27.18
CA GLY A 156 17.21 57.78 25.53
CA LYS A 157 15.97 60.56 23.22
CA HIS A 158 18.78 59.86 20.71
CA GLY A 159 17.95 56.13 20.25
CA LYS A 160 17.09 55.08 16.67
CA GLU A 161 15.51 51.89 15.31
CA VAL A 162 16.12 50.07 12.02
CA LYS A 163 14.18 47.08 10.65
CA ILE A 164 15.53 44.66 8.07
CA THR A 165 14.01 42.03 5.86
CA PRO A 166 15.75 39.88 3.16
CA GLN A 167 14.46 42.32 0.48
CA SER A 168 15.53 45.45 2.42
CA SER A 169 19.05 45.01 3.83
CA ILE A 170 20.26 48.63 3.98
CA THR A 171 19.11 51.56 6.12
CA GLU A 172 20.49 55.04 6.64
CA ALA A 173 19.79 56.55 10.05
CA GLU A 174 20.12 60.18 11.15
CA LEU A 175 21.65 60.28 14.62
CA THR A 176 20.45 63.76 15.55
CA GLY A 177 23.37 66.27 15.25
CA TYR A 178 25.91 63.37 15.03
CA GLY A 179 25.21 62.83 11.29
CA THR A 180 24.17 59.79 9.38
CA VAL A 181 25.06 56.15 9.98
CA THR A 182 24.47 53.38 7.48
CA MET A 183 23.46 49.85 8.46
CA GLU A 184 23.61 46.85 6.15
CA CYS A 185 22.35 43.74 7.93
CA SER A 186 21.91 40.50 6.00
CA PRO A 187 18.88 38.42 7.17
CA ARG A 188 20.40 35.51 5.18
CA THR A 189 23.36 35.53 7.61
CA GLY A 190 20.85 34.97 10.47
CA LEU A 191 19.44 31.85 11.97
CA ASP A 192 18.32 29.03 9.70
CA PHE A 193 14.70 28.23 10.42
CA ASN A 194 14.00 25.25 8.14
CA GLU A 195 13.50 22.82 11.07
CA MET A 196 12.04 25.40 13.48
CA VAL A 197 8.46 25.32 14.74
CA LEU A 198 7.04 27.80 17.25
CA LEU A 199 4.79 25.92 19.58
CA GLN A 200 1.94 27.74 21.26
CA MET A 201 -0.48 26.47 23.89
CA LYS A 202 -2.78 28.94 25.66
CA ASP A 203 0.13 31.11 26.87
CA LYS A 204 3.55 31.95 25.39
CA ALA A 205 5.69 29.65 23.43
CA TRP A 206 8.56 27.30 22.77
CA LEU A 207 10.96 26.77 19.90
CA VAL A 208 10.81 23.12 18.97
CA HIS A 209 12.28 20.87 16.26
CA ARG A 210 9.94 20.16 13.32
CA GLN A 211 10.49 16.37 13.44
CA TRP A 212 9.59 16.20 17.15
CA PHE A 213 6.46 18.31 16.58
CA LEU A 214 5.29 16.16 13.63
CA ASP A 215 5.61 13.00 15.75
CA LEU A 216 3.30 14.05 18.59
CA PRO A 217 1.04 11.12 19.55
CA LEU A 218 -2.00 13.43 19.78
CA PRO A 219 -5.25 14.09 17.84
CA TRP A 220 -4.53 16.69 15.15
CA LEU A 221 -6.19 18.78 12.46
CA PRO A 222 -5.61 21.74 10.15
CA GLY A 223 -6.75 25.13 11.22
CA ALA A 224 -7.23 26.13 7.77
CA ASP A 225 -10.38 28.21 7.36
CA THR A 226 -10.68 28.31 11.21
CA GLN A 227 -11.90 24.74 10.62
CA GLY A 228 -10.79 21.65 10.06
CA SER A 229 -14.06 20.87 11.89
CA ASN A 230 -12.94 17.44 13.12
CA TRP A 231 -9.82 15.91 14.64
CA ILE A 232 -7.94 13.09 13.05
CA GLN A 233 -6.55 10.37 15.24
CA LYS A 234 -8.90 11.31 18.09
CA GLU A 235 -8.75 7.68 19.38
CA THR A 236 -5.26 8.60 20.72
CA LEU A 237 -7.00 10.07 23.84
CA VAL A 238 -9.80 7.63 24.03
CA THR A 239 -10.33 4.18 25.04
CA PHE A 240 -14.01 3.49 24.54
CA LYS A 241 -12.63 1.15 27.13
CA ASN A 242 -12.93 -2.64 27.25
CA PRO A 243 -16.20 -4.06 28.50
CA HIS A 244 -16.54 -5.48 31.90
CA ALA A 245 -19.85 -7.03 32.86
CA LYS A 246 -22.56 -4.34 32.29
CA LYS A 247 -20.21 -1.35 31.98
CA GLN A 248 -18.08 0.24 29.28
CA ASP A 249 -16.13 3.41 29.85
CA VAL A 250 -16.07 6.22 27.50
CA VAL A 251 -12.59 6.52 29.11
CA VAL A 252 -10.76 9.68 28.48
CA LEU A 253 -6.95 9.78 28.95
CA GLY A 254 -7.27 13.20 30.55
CA SER A 255 -5.31 16.41 30.01
CA GLN A 256 -1.94 15.88 28.30
CA GLU A 257 -0.63 19.37 29.22
CA GLY A 258 1.45 18.10 32.16
CA ALA A 259 2.89 15.35 29.92
CA MET A 260 3.88 17.83 27.20
CA HIS A 261 5.36 20.35 29.68
CA THR A 262 7.73 17.62 30.95
CA ALA A 263 8.92 17.06 27.35
CA LEU A 264 9.31 20.85 26.95
CA THR A 265 11.67 21.29 29.90
CA GLY A 266 15.11 22.20 28.51
CA ALA A 267 13.59 23.35 25.19
CA THR A 268 14.24 27.03 24.37
CA GLU A 269 11.34 29.41 25.01
CA ILE A 270 10.11 31.91 22.44
CA GLN A 271 7.62 34.75 22.90
CA MET A 272 4.32 35.89 21.28
CA SER A 273 3.25 39.57 21.35
CA SER A 274 -0.22 39.84 19.77
CA GLY A 275 1.15 37.28 17.27
CA ASN A 276 4.53 39.06 17.07
CA LEU A 277 6.85 36.38 18.37
CA LEU A 278 10.41 37.27 19.57
CA PHE A 279 13.65 35.32 19.79
CA THR A 280 17.39 35.50 20.36
CA GLY A 281 19.73 34.35 17.52
CA HIS A 282 22.07 36.60 15.57
CA LEU A 283 22.87 38.64 12.45
CA LYS A 284 25.93 40.30 10.92
CA CYS A 285 25.71 43.97 9.98
CA ARG A 286 28.12 46.46 8.41
CA LEU A 287 28.21 49.91 10.00
CA ARG A 288 29.29 52.95 8.01
CA MET A 289 30.75 55.68 10.23
CA ASP A 290 32.14 58.04 7.55
CA LYS A 291 29.20 60.45 7.96
CA LEU A 292 29.43 60.78 11.74
CA GLN A 293 30.75 63.92 13.35
CA LEU A 294 31.79 64.35 16.70
CA LYS A 295 32.07 66.76 19.17
CA GLY A 296 34.47 69.14 20.78
CA MET A 297 37.76 68.55 18.97
CA SER A 298 38.47 72.31 18.51
CA TYR A 299 37.71 73.41 22.08
CA SER A 300 40.59 74.59 24.27
CA MET A 301 41.59 72.45 27.27
CA CYS A 302 41.33 73.73 30.84
CA THR A 303 43.92 72.54 33.37
CA GLY A 304 42.13 73.78 36.52
CA LYS A 305 38.68 73.72 38.14
CA PHE A 306 37.88 70.04 38.66
CA LYS A 307 36.27 68.22 41.56
CA VAL A 308 34.84 64.72 41.96
CA VAL A 309 31.07 64.45 41.90
CA LYS A 310 31.41 60.62 41.77
CA GLU A 311 34.82 59.24 42.75
CA ILE A 312 36.38 56.41 40.81
CA ALA A 313 34.31 53.23 41.04
CA GLU A 314 34.54 49.70 39.67
CA THR A 315 31.97 49.30 36.88
CA GLN A 316 31.76 45.46 37.06
CA HIS A 317 33.07 45.27 33.46
CA GLY A 318 36.78 45.63 34.38
CA THR A 319 36.50 49.35 33.67
CA ILE A 320 36.43 52.43 35.91
CA VAL A 321 33.57 54.96 35.97
CA ILE A 322 33.59 58.50 37.46
CA ARG A 323 32.01 61.86 37.09
CA VAL A 324 33.68 65.26 37.53
CA GLN A 325 32.34 68.80 37.92
CA TYR A 326 33.92 71.83 36.29
CA GLU A 327 33.55 75.42 37.61
CA GLY A 328 35.41 77.16 34.80
CA ASP A 329 34.39 78.61 31.55
CA GLY A 330 36.60 76.98 29.00
CA SER A 331 33.39 78.01 27.16
CA PRO A 332 32.84 74.19 26.26
CA CYS A 333 36.31 72.62 26.83
CA LYS A 334 38.18 69.35 26.58
CA ILE A 335 38.77 67.44 29.81
CA PRO A 336 42.51 66.81 30.43
CA PHE A 337 42.19 63.19 31.62
CA GLU A 338 45.09 60.73 32.05
CA ILE A 339 46.33 58.12 34.52
CA MET A 340 49.80 56.89 35.53
CA ASP A 341 51.06 53.72 37.17
CA LEU A 342 52.46 54.37 40.63
CA GLU A 343 56.24 54.99 40.14
CA LYS A 344 56.06 56.08 36.48
CA ARG A 345 55.29 59.45 34.91
CA HIS A 346 53.65 58.79 31.53
CA VAL A 347 50.24 59.15 29.85
CA LEU A 348 48.46 55.98 28.71
CA GLY A 349 44.92 55.06 27.65
CA ARG A 350 42.45 53.60 27.69
CA LEU A 351 39.40 55.84 27.42
CA ILE A 352 36.05 54.34 26.44
CA THR A 353 34.35 57.75 26.50
CA VAL A 354 35.50 59.56 23.35
CA ASN A 355 37.07 63.04 23.58
CA PRO A 356 35.74 63.83 27.11
CA ILE A 357 34.51 67.44 26.99
CA VAL A 358 32.58 69.76 29.41
CA THR A 359 30.03 72.08 27.79
CA GLU A 360 28.50 75.27 29.15
CA LYS A 361 25.59 74.01 27.08
CA ASP A 362 24.86 71.74 30.11
CA SER A 363 26.36 68.23 30.05
CA PRO A 364 29.64 66.27 29.90
CA VAL A 365 31.62 65.11 33.01
CA ASN A 366 31.08 61.32 32.95
CA ILE A 367 34.13 59.24 31.99
CA GLU A 368 34.65 55.48 31.64
CA ALA A 369 38.22 54.21 31.21
CA GLU A 370 40.23 50.97 31.44
CA PRO A 371 43.42 50.94 33.58
CA PRO A 372 46.14 48.24 33.90
CA PHE A 373 46.21 46.05 37.04
CA GLY A 374 47.93 47.44 40.16
CA ASP A 375 48.23 50.87 41.78
CA SER A 376 47.45 53.81 39.55
CA TYR A 377 46.68 57.48 39.93
CA ILE A 378 43.94 59.16 37.92
CA ILE A 379 44.35 62.72 36.84
CA ILE A 380 41.96 65.39 35.67
CA GLY A 381 45.04 67.13 37.47
CA VAL A 382 47.05 68.96 35.61
CA GLU A 383 47.68 72.18 35.21
CA PRO A 384 47.85 74.05 38.55
CA GLY A 385 45.86 72.21 40.80
CA GLN A 386 45.01 69.37 38.96
CA LEU A 387 42.41 66.91 40.35
CA LYS A 388 43.78 63.44 41.23
CA LEU A 389 42.64 60.14 42.77
CA ASP A 390 44.27 56.90 43.82
CA TRP A 391 43.06 53.77 42.11
CA PHE A 392 43.92 50.14 42.68
CA LYS A 393 42.92 48.13 39.61
CA LYS A 394 41.63 44.55 40.07
CA GLN A 400 51.02 38.74 35.56
CA MET A 401 49.06 35.99 37.19
CA PHE A 402 45.89 38.09 37.12
CA GLU A 403 46.50 38.91 33.45
CA THR A 404 47.01 35.20 32.79
CA THR A 405 43.77 34.49 34.65
CA MET A 406 42.00 37.21 32.66
CA ARG A 407 43.37 35.75 29.47
CA GLY A 408 42.17 32.29 30.43
CA ALA A 409 38.73 33.68 31.26
CA LYS A 410 38.71 35.44 27.89
CA ARG A 411 39.71 32.16 26.25
CA MET A 412 36.96 30.34 28.17
CA ALA A 413 34.48 32.96 27.11
CA ILE A 414 35.53 32.62 23.48
CA LEU A 415 35.22 28.83 23.72
CA GLY A 416 31.76 29.36 25.33
CA ASP A 417 30.85 31.73 22.39
CA THR A 418 32.12 29.08 19.89
CA ALA A 419 30.11 26.51 22.09
CA TRP A 420 27.20 28.77 21.19
CA ASP A 421 28.01 29.43 17.60
CA PHE A 422 31.24 30.56 16.12
CA GLY A 423 31.97 34.22 15.26
CA SER A 424 35.22 34.79 13.24
CA LEU A 425 37.16 37.10 11.03
CA GLY A 426 37.29 35.97 7.38
CA GLY A 427 40.61 35.16 5.68
CA VAL A 428 43.06 32.60 6.18
CA PHE A 429 41.49 32.51 9.66
CA THR A 430 38.14 32.90 7.90
CA SER A 431 38.74 29.87 5.80
CA ILE A 432 39.96 28.07 8.94
CA GLY A 433 36.82 29.07 10.77
CA LYS A 434 34.77 27.87 7.89
CA ALA A 435 36.62 24.57 7.87
CA LEU A 436 36.13 24.23 11.64
CA HIS A 437 32.45 25.03 11.10
CA GLN A 438 32.32 22.35 8.40
CA VAL A 439 34.13 19.86 10.66
CA PHE A 440 31.72 20.77 13.44
CA GLY A 441 28.78 20.07 11.14
CA ALA A 442 30.24 16.80 9.87
CA ILE A 443 30.84 16.06 13.48
CA TYR A 444 27.29 17.03 14.53
CA GLY A 445 26.09 13.48 15.27
CA ALA A 446 22.44 13.50 16.32
CA ALA A 447 20.71 16.41 18.09
CA PHE A 448 18.53 14.97 20.86
CA SER A 449 16.06 17.24 23.16
CA GLY A 450 14.36 15.28 25.95
CA VAL A 451 17.40 13.59 26.96
CA SER A 452 19.28 16.50 28.55
CA TRP A 453 20.07 13.67 30.97
CA THR A 454 20.14 11.01 28.26
CA MET A 455 22.19 13.13 25.88
CA LYS A 456 24.49 13.58 28.88
CA ILE A 457 24.39 9.92 29.87
CA LEU A 458 25.37 8.70 26.45
CA ILE A 459 28.06 11.47 26.19
CA GLY A 460 29.47 10.10 29.46
CA VAL A 461 29.07 6.38 28.70
CA ILE A 462 30.75 7.22 25.30
CA ILE A 463 33.83 8.62 27.15
CA THR A 464 33.94 5.37 29.04
CA TRP A 465 34.02 3.46 25.73
CA ILE A 466 37.27 5.18 24.81
CA GLY A 467 38.60 6.13 28.10
CA MET A 468 40.58 2.88 27.95
CA ASN A 469 43.58 4.29 26.02
CA SER A 470 45.12 1.18 25.84
CA ARG A 471 48.60 0.42 24.60
CA SER A 472 48.16 1.30 20.88
CA THR A 473 48.89 4.62 19.43
CA SER A 474 45.93 5.18 17.15
CA LEU A 475 43.35 7.94 16.89
CA SER A 476 41.64 6.49 19.81
CA VAL A 477 43.03 9.11 22.22
CA SER A 478 41.36 11.64 19.89
CA LEU A 479 37.98 9.90 20.37
CA VAL A 480 38.39 10.01 24.14
CA LEU A 481 39.36 13.70 24.05
CA VAL A 482 36.33 14.47 21.87
CA GLY A 483 33.91 12.66 24.23
CA ILE A 484 35.33 14.62 27.17
CA VAL A 485 34.26 17.83 25.39
CA THR A 486 30.91 16.38 24.34
CA LEU A 487 29.89 15.55 27.91
CA TYR A 488 31.35 18.84 29.20
CA LEU A 489 28.73 20.73 27.18
CA GLY A 490 26.14 18.00 27.60
CA VAL A 491 26.57 18.46 31.38
CA MET A 492 26.16 22.28 31.35
CA VAL A 493 23.09 21.73 29.14
CA GLN A 494 21.51 19.57 31.86
CA ALA A 495 22.63 22.19 34.36
CA MET B 1 5.80 29.63 -19.23
CA ARG B 2 4.17 26.25 -20.00
CA CYS B 3 6.99 24.04 -18.83
CA ILE B 4 6.87 25.61 -15.30
CA GLY B 5 3.55 23.71 -15.04
CA ILE B 6 5.17 20.25 -14.84
CA SER B 7 7.83 18.46 -12.77
CA ASN B 8 9.38 16.78 -15.83
CA ARG B 9 11.29 19.64 -17.47
CA ASP B 10 14.57 19.78 -19.38
CA PHE B 11 16.72 22.77 -20.31
CA VAL B 12 18.46 22.91 -23.68
CA GLU B 13 20.94 25.68 -24.40
CA GLY B 14 22.55 26.77 -27.66
CA VAL B 15 25.75 28.87 -27.46
CA SER B 16 27.47 31.06 -30.11
CA GLY B 17 26.79 29.86 -33.65
CA GLY B 18 24.23 27.26 -32.45
CA SER B 19 21.39 27.76 -34.97
CA TRP B 20 19.91 24.24 -34.86
CA VAL B 21 18.93 22.13 -31.83
CA ASP B 22 18.14 18.41 -31.66
CA ILE B 23 15.77 17.39 -28.86
CA VAL B 24 14.20 14.12 -27.67
CA LEU B 25 10.65 15.04 -26.69
CA GLU B 26 8.68 12.64 -24.51
CA HIS B 27 5.03 12.71 -23.63
CA GLY B 28 4.51 14.21 -20.21
CA SER B 29 7.76 16.23 -20.56
CA CYS B 30 8.64 19.77 -21.57
CA VAL B 31 11.77 21.44 -22.88
CA THR B 32 12.89 25.01 -22.42
CA THR B 33 15.23 26.17 -25.10
CA MET B 34 17.42 29.21 -24.47
CA ALA B 35 20.01 30.68 -26.84
CA LYS B 36 22.06 33.87 -27.05
CA ASN B 37 20.25 36.63 -28.94
CA LYS B 38 17.16 34.40 -29.35
CA PRO B 39 13.76 34.60 -27.56
CA THR B 40 13.44 31.50 -25.28
CA LEU B 41 10.93 28.83 -26.28
CA ASP B 42 9.06 25.95 -24.68
CA PHE B 43 8.46 22.85 -26.71
CA GLU B 44 6.91 19.48 -25.98
CA LEU B 45 5.31 16.45 -27.50
CA ILE B 46 1.61 16.74 -26.67
CA LYS B 47 0.08 13.64 -28.20
CA THR B 48 0.57 10.44 -30.18
CA GLU B 49 -2.50 8.88 -31.81
CA ALA B 50 -4.17 7.37 -34.87
CA LYS B 51 -7.79 7.93 -35.89
CA GLN B 52 -9.85 4.79 -36.56
CA PRO B 53 -7.01 2.22 -36.13
CA ALA B 54 -7.73 -1.19 -37.72
CA THR B 55 -9.52 -3.58 -35.37
CA LEU B 56 -8.25 -7.10 -34.82
CA ARG B 57 -10.28 -9.69 -32.90
CA LYS B 58 -13.13 -8.85 -30.59
CA TYR B 59 -13.50 -11.02 -27.50
CA CYS B 60 -16.60 -11.74 -25.43
CA ILE B 61 -16.25 -11.36 -21.70
CA GLU B 62 -19.79 -12.40 -20.74
CA ALA B 63 -21.84 -14.83 -22.76
CA LYS B 64 -25.60 -14.36 -23.15
CA LEU B 65 -27.22 -17.78 -23.53
CA THR B 66 -30.78 -18.48 -24.67
CA ASN B 67 -33.09 -21.12 -26.18
CA THR B 68 -31.65 -24.21 -24.46
CA THR B 69 -32.79 -27.29 -26.40
CA THR B 70 -32.39 -30.97 -25.51
CA ASP B 71 -33.03 -34.13 -27.55
CA SER B 72 -32.78 -37.65 -26.12
CA ARG B 73 -33.35 -41.11 -27.55
CA CYS B 74 -33.95 -44.52 -26.00
CA PRO B 75 -31.13 -47.16 -26.12
CA THR B 76 -32.36 -48.62 -29.47
CA GLN B 77 -33.64 -45.41 -31.10
CA GLY B 78 -30.19 -44.35 -32.44
CA GLU B 79 -28.58 -40.90 -32.28
CA PRO B 80 -30.45 -37.86 -30.85
CA THR B 81 -30.08 -34.81 -33.07
CA LEU B 82 -31.01 -31.21 -33.16
CA ASN B 83 -30.98 -28.64 -36.12
CA GLU B 84 -28.85 -26.24 -33.91
CA GLU B 85 -25.98 -28.81 -34.00
CA GLN B 86 -25.38 -27.54 -37.55
CA ASP B 87 -26.06 -23.82 -36.99
CA LYS B 88 -23.29 -21.36 -36.11
CA ARG B 89 -24.02 -19.27 -32.94
CA PHE B 90 -24.85 -22.42 -30.95
CA VAL B 91 -22.86 -24.47 -28.44
CA CYS B 92 -23.81 -28.10 -28.11
CA LYS B 93 -22.69 -31.19 -26.23
CA HIS B 94 -23.53 -34.79 -27.13
CA SER B 95 -23.44 -37.43 -24.36
CA MET B 96 -25.25 -40.51 -23.05
CA VAL B 97 -27.80 -40.80 -20.25
CA ASP B 98 -29.02 -43.80 -18.28
CA ARG B 99 -32.45 -44.86 -19.56
CA GLY B 100 -34.98 -47.56 -18.65
CA TRP B 101 -38.67 -48.19 -17.85
CA GLY B 102 -38.46 -45.33 -15.30
CA ASN B 103 -38.09 -42.81 -18.15
CA GLY B 104 -40.22 -44.61 -20.79
CA CYS B 105 -37.67 -46.77 -22.63
CA GLY B 106 -38.18 -50.44 -23.60
CA LEU B 107 -34.61 -51.27 -22.51
CA PHE B 108 -32.37 -50.30 -19.62
CA GLY B 109 -29.09 -48.88 -20.90
CA LYS B 110 -27.35 -45.86 -22.43
CA GLY B 111 -29.44 -43.48 -24.54
CA GLY B 112 -28.10 -40.73 -26.78
CA ILE B 113 -28.65 -37.14 -25.59
CA VAL B 114 -27.69 -33.75 -27.06
CA THR B 115 -28.12 -30.25 -25.65
CA CYS B 116 -27.59 -26.90 -27.35
CA ALA B 117 -27.75 -23.26 -26.42
CA MET B 118 -27.63 -20.12 -28.56
CA PHE B 119 -24.57 -18.14 -27.62
CA THR B 120 -24.31 -14.38 -28.01
CA CYS B 121 -22.04 -11.82 -26.38
CA LYS B 122 -23.07 -9.53 -23.58
CA LYS B 123 -19.93 -7.29 -23.44
CA ASN B 124 -16.67 -6.97 -25.54
CA MET B 125 -12.89 -6.60 -25.38
CA GLU B 126 -11.62 -5.24 -28.71
CA GLY B 127 -8.03 -4.93 -29.91
CA LYS B 128 -6.69 -2.26 -32.28
CA ILE B 129 -3.39 -2.06 -34.21
CA VAL B 130 -1.53 1.04 -35.33
CA GLN B 131 -0.30 1.74 -38.84
CA PRO B 132 3.07 3.60 -38.59
CA GLU B 133 2.12 5.50 -41.79
CA ASN B 134 -1.14 6.88 -40.22
CA LEU B 135 0.02 7.64 -36.66
CA GLU B 136 0.09 11.31 -35.59
CA TYR B 137 2.52 13.12 -33.37
CA THR B 138 1.55 16.56 -32.15
CA VAL B 139 4.13 19.06 -30.90
CA VAL B 140 3.44 22.46 -29.35
CA ILE B 141 5.65 25.52 -29.20
CA THR B 142 5.25 28.51 -26.89
CA PRO B 143 7.41 31.69 -26.86
CA HIS B 144 8.65 33.23 -23.60
CA SER B 145 6.70 36.54 -23.69
CA GLY B 146 7.21 37.46 -19.99
CA GLU B 147 3.38 37.50 -19.70
CA GLU B 148 1.93 38.10 -16.23
CA HIS B 149 0.23 34.73 -16.80
CA ALA B 150 -0.40 31.86 -17.65
CA VAL B 151 -1.83 29.15 -15.45
CA GLY B 152 -2.36 25.56 -16.68
CA ASN B 153 -6.14 26.13 -17.05
CA ASP B 154 -5.50 29.24 -19.21
CA THR B 155 -4.53 29.50 -22.88
CA GLY B 156 -1.32 31.26 -23.99
CA LYS B 157 -2.21 33.33 -27.10
CA HIS B 158 1.26 32.72 -28.60
CA GLY B 159 1.08 28.88 -28.43
CA LYS B 160 1.42 27.08 -31.79
CA GLU B 161 0.72 23.47 -32.78
CA VAL B 162 2.46 21.24 -35.32
CA LYS B 163 1.39 17.76 -36.46
CA ILE B 164 3.73 15.21 -38.01
CA THR B 165 3.25 12.00 -39.91
CA PRO B 166 5.95 9.77 -41.56
CA GLN B 167 5.16 11.43 -44.93
CA SER B 168 5.22 14.99 -43.51
CA SER B 169 8.23 15.45 -41.20
CA ILE B 170 8.87 19.21 -41.54
CA THR B 171 6.80 22.20 -40.46
CA GLU B 172 7.51 25.91 -40.38
CA ALA B 173 5.69 27.84 -37.66
CA GLU B 174 5.22 31.60 -37.34
CA LEU B 175 5.67 32.60 -33.70
CA THR B 176 3.82 35.90 -33.89
CA GLY B 177 6.36 38.81 -33.98
CA TYR B 178 9.21 36.43 -32.92
CA GLY B 179 9.68 35.13 -36.50
CA THR B 180 9.61 31.66 -37.90
CA VAL B 181 10.76 28.41 -36.31
CA THR B 182 11.27 25.19 -38.21
CA MET B 183 10.49 21.76 -36.77
CA GLU B 184 11.67 18.48 -38.26
CA CYS B 185 10.37 15.54 -36.22
CA SER B 186 10.92 11.99 -37.45
CA PRO B 187 7.97 9.63 -36.67
CA ARG B 188 10.35 6.74 -37.51
CA THR B 189 12.48 7.73 -34.48
CA GLY B 190 9.35 7.23 -32.30
CA LEU B 191 7.97 4.21 -30.56
CA ASP B 192 7.92 0.89 -32.37
CA PHE B 193 4.37 -0.43 -32.44
CA ASN B 194 4.74 -3.84 -34.12
CA GLU B 195 3.74 -5.76 -30.94
CA MET B 196 1.34 -3.11 -29.61
CA VAL B 197 -2.41 -3.62 -29.30
CA LEU B 198 -4.79 -1.05 -27.83
CA LEU B 199 -7.34 -2.88 -25.79
CA GLN B 200 -10.77 -1.34 -25.33
CA MET B 201 -13.65 -2.55 -23.19
CA LYS B 202 -16.65 -0.26 -22.63
CA ASP B 203 -14.51 2.57 -21.23
CA LYS B 204 -10.94 3.74 -21.95
CA ALA B 205 -8.07 1.57 -22.75
CA TRP B 206 -4.85 -0.29 -22.15
CA LEU B 207 -1.68 -0.86 -24.12
CA VAL B 208 -1.09 -4.58 -24.24
CA HIS B 209 1.37 -6.97 -25.93
CA ARG B 210 0.07 -8.60 -29.13
CA GLN B 211 1.05 -12.13 -28.06
CA TRP B 212 -0.84 -11.81 -24.76
CA PHE B 213 -3.93 -10.46 -26.55
CA LEU B 214 -3.93 -13.25 -29.15
CA ASP B 215 -3.81 -15.88 -26.39
CA LEU B 216 -6.95 -14.80 -24.52
CA PRO B 217 -9.00 -17.88 -23.54
CA LEU B 218 -12.25 -16.16 -24.61
CA PRO B 219 -14.88 -16.45 -27.40
CA TRP B 220 -13.74 -14.28 -30.32
CA LEU B 221 -14.83 -13.03 -33.71
CA PRO B 222 -14.01 -10.46 -36.39
CA GLY B 223 -15.83 -7.22 -36.42
CA ALA B 224 -15.43 -6.93 -40.01
CA ASP B 225 -18.57 -5.56 -41.64
CA THR B 226 -19.97 -4.86 -38.11
CA GLN B 227 -20.51 -8.64 -38.20
CA GLY B 228 -18.88 -11.52 -37.78
CA SER B 229 -22.42 -12.55 -36.70
CA ASN B 230 -21.27 -15.44 -34.52
CA TRP B 231 -18.54 -16.09 -31.96
CA ILE B 232 -15.94 -18.76 -32.37
CA GLN B 233 -14.89 -20.76 -29.36
CA LYS B 234 -18.05 -19.78 -27.48
CA GLU B 235 -17.82 -23.02 -25.44
CA THR B 236 -15.00 -21.27 -23.48
CA LEU B 237 -17.72 -19.62 -21.30
CA VAL B 238 -20.12 -22.46 -21.30
CA THR B 239 -20.46 -25.72 -19.73
CA PHE B 240 -23.74 -27.16 -20.98
CA LYS B 241 -22.86 -28.70 -17.67
CA ASN B 242 -22.69 -32.40 -16.82
CA PRO B 243 -25.98 -34.16 -16.16
CA HIS B 244 -27.08 -35.00 -12.72
CA ALA B 245 -30.30 -36.93 -12.32
CA LYS B 246 -33.07 -34.93 -14.13
CA LYS B 247 -31.12 -31.67 -14.48
CA GLN B 248 -28.53 -30.21 -16.84
CA ASP B 249 -27.25 -26.69 -16.50
CA VAL B 250 -26.88 -24.37 -19.31
CA VAL B 251 -24.07 -23.15 -16.97
CA VAL B 252 -22.57 -19.88 -17.79
CA LEU B 253 -19.09 -19.00 -16.42
CA GLY B 254 -20.29 -15.47 -15.74
CA SER B 255 -18.69 -12.10 -16.43
CA GLN B 256 -14.92 -12.29 -17.09
CA GLU B 257 -14.40 -8.52 -16.65
CA GLY B 258 -13.10 -8.85 -13.08
CA ALA B 259 -10.72 -11.63 -14.23
CA MET B 260 -9.34 -9.53 -17.08
CA HIS B 261 -8.97 -6.39 -14.91
CA THR B 262 -6.72 -8.37 -12.53
CA ALA B 263 -4.49 -9.33 -15.50
CA LEU B 264 -4.50 -5.66 -16.61
CA THR B 265 -3.15 -4.29 -13.33
CA GLY B 266 0.40 -3.02 -13.95
CA ALA B 267 -0.24 -2.76 -17.73
CA THR B 268 0.12 0.76 -19.13
CA GLU B 269 -3.11 2.66 -19.78
CA ILE B 270 -3.88 4.39 -23.06
CA GLN B 271 -6.73 6.78 -23.88
CA MET B 272 -9.55 6.99 -26.49
CA SER B 273 -11.07 10.36 -27.49
CA SER B 274 -13.95 9.71 -29.92
CA GLY B 275 -11.61 7.06 -31.38
CA ASN B 276 -8.57 9.35 -31.09
CA LEU B 277 -6.38 7.41 -28.69
CA LEU B 278 -3.47 9.14 -26.85
CA PHE B 279 -0.20 7.88 -25.40
CA THR B 280 3.18 8.84 -23.97
CA GLY B 281 6.35 7.65 -25.79
CA HIS B 282 8.84 9.92 -27.55
CA LEU B 283 10.23 11.50 -30.72
CA LYS B 284 13.35 13.40 -31.76
CA CYS B 285 12.95 16.75 -33.50
CA ARG B 286 15.35 19.31 -34.91
CA LEU B 287 14.55 22.95 -34.15
CA ARG B 288 15.76 25.74 -36.40
CA MET B 289 16.16 29.03 -34.54
CA ASP B 290 17.93 31.11 -37.24
CA LYS B 291 14.71 32.97 -38.11
CA LEU B 292 13.81 33.99 -34.56
CA GLN B 293 14.22 37.56 -33.40
CA LEU B 294 14.19 38.75 -30.07
CA LYS B 295 13.45 41.55 -28.19
CA GLY B 296 14.96 44.58 -26.58
CA MET B 297 18.67 44.30 -27.34
CA SER B 298 19.00 47.98 -28.41
CA TYR B 299 17.12 49.53 -25.48
CA SER B 300 19.08 51.59 -22.94
CA MET B 301 19.45 50.23 -19.40
CA CYS B 302 18.03 52.04 -16.37
CA THR B 303 19.93 51.80 -13.08
CA GLY B 304 17.17 53.23 -10.83
CA LYS B 305 13.43 52.82 -10.16
CA PHE B 306 12.99 49.20 -9.06
CA LYS B 307 10.89 47.65 -6.36
CA VAL B 308 9.86 44.08 -5.56
CA VAL B 309 6.33 43.10 -6.52
CA LYS B 310 7.18 39.46 -5.71
CA GLU B 311 10.32 38.92 -3.63
CA ILE B 312 12.71 36.11 -4.46
CA ALA B 313 11.09 32.70 -4.07
CA GLU B 314 12.16 29.09 -4.53
CA THR B 315 10.56 27.75 -7.71
CA GLN B 316 10.80 24.02 -6.78
CA HIS B 317 13.09 23.44 -9.79
CA GLY B 318 16.31 24.63 -8.06
CA THR B 319 15.76 28.06 -9.62
CA ILE B 320 14.67 31.42 -8.19
CA VAL B 321 11.61 33.35 -9.40
CA ILE B 322 10.75 37.05 -8.77
CA ARG B 323 8.93 39.94 -10.24
CA VAL B 324 9.95 43.61 -10.15
CA GLN B 325 8.11 46.86 -10.89
CA TYR B 326 9.69 49.80 -12.69
CA GLU B 327 8.50 53.43 -12.33
CA GLY B 328 10.84 54.96 -14.89
CA ASP B 329 10.61 55.62 -18.53
CA GLY B 330 13.65 53.99 -20.01
CA SER B 331 10.98 54.08 -22.77
CA PRO B 332 11.21 50.13 -22.94
CA CYS B 333 14.54 49.35 -21.18
CA LYS B 334 16.81 46.48 -20.23
CA ILE B 335 16.70 45.31 -16.62
CA PRO B 336 20.16 45.48 -14.95
CA PHE B 337 19.98 42.13 -13.12
CA GLU B 338 22.93 40.36 -11.44
CA ILE B 339 23.74 38.50 -8.24
CA MET B 340 26.91 38.12 -6.14
CA ASP B 341 28.04 35.56 -3.59
CA LEU B 342 28.31 37.06 -0.11
CA GLU B 343 31.96 38.27 0.24
CA LYS B 344 32.68 38.64 -3.49
CA ARG B 345 31.96 41.49 -5.91
CA HIS B 346 31.45 39.97 -9.35
CA VAL B 347 28.65 39.39 -11.87
CA LEU B 348 27.68 35.79 -12.72
CA GLY B 349 24.74 34.08 -14.41
CA ARG B 350 22.59 32.22 -14.67
CA LEU B 351 19.47 33.78 -16.19
CA ILE B 352 16.75 31.54 -17.63
CA THR B 353 14.69 34.54 -18.74
CA VAL B 354 16.44 35.96 -21.81
CA ASN B 355 17.42 39.65 -21.97
CA PRO B 356 15.04 40.79 -19.14
CA ILE B 357 13.46 44.03 -20.35
CA VAL B 358 10.64 46.35 -19.06
CA THR B 359 8.36 47.84 -21.75
CA GLU B 360 6.12 50.89 -21.54
CA LYS B 361 4.11 48.77 -23.95
CA ASP B 362 2.84 46.97 -20.79
CA SER B 363 4.73 43.84 -19.69
CA PRO B 364 8.14 42.52 -18.58
CA VAL B 365 9.29 42.30 -14.90
CA ASN B 366 9.29 38.52 -14.26
CA ILE B 367 12.72 36.90 -13.95
CA GLU B 368 13.79 33.30 -13.33
CA ALA B 369 17.48 32.64 -12.57
CA GLU B 370 19.74 29.92 -11.12
CA PRO B 371 22.17 30.84 -8.30
CA PRO B 372 25.01 28.79 -6.72
CA PHE B 373 24.45 27.23 -3.26
CA GLY B 374 25.03 29.43 -0.19
CA ASP B 375 24.41 33.10 0.66
CA SER B 376 23.92 35.41 -2.28
CA TYR B 377 22.61 38.89 -2.92
CA ILE B 378 20.37 39.66 -5.86
CA ILE B 379 20.61 42.99 -7.56
CA ILE B 380 18.33 44.93 -9.85
CA GLY B 381 20.52 47.49 -7.75
CA VAL B 382 22.72 49.30 -9.39
CA GLU B 383 23.02 52.46 -10.32
CA PRO B 384 22.00 54.88 -7.53
CA GLY B 385 19.70 53.14 -5.50
CA GLN B 386 19.78 49.91 -6.84
CA LEU B 387 17.23 47.29 -5.65
CA LYS B 388 18.73 44.34 -3.72
CA LEU B 389 17.62 41.21 -1.84
CA ASP B 390 19.29 38.57 0.27
CA TRP B 391 19.03 35.01 -0.97
CA PHE B 392 20.15 31.75 0.59
CA LYS B 393 20.34 29.09 -2.12
CA LYS B 394 19.44 25.49 -1.23
CA GLN B 400 30.69 20.48 -2.27
CA MET B 401 28.74 17.74 -0.63
CA PHE B 402 25.47 19.21 -1.88
CA GLU B 403 26.92 19.50 -5.39
CA THR B 404 28.07 15.88 -5.13
CA THR B 405 24.57 14.93 -3.99
CA MET B 406 23.06 16.92 -6.87
CA ARG B 407 25.41 15.21 -9.27
CA GLY B 408 24.45 11.80 -7.92
CA ALA B 409 20.76 12.68 -8.24
CA LYS B 410 21.43 13.83 -11.81
CA ARG B 411 23.24 10.55 -12.46
CA MET B 412 20.34 8.61 -10.91
CA ALA B 413 17.92 10.55 -13.04
CA ILE B 414 19.93 9.80 -16.17
CA LEU B 415 20.05 6.10 -15.25
CA GLY B 416 16.25 6.27 -14.64
CA ASP B 417 15.88 7.93 -18.14
CA THR B 418 18.08 5.16 -19.66
CA ALA B 419 15.91 2.68 -17.51
CA TRP B 420 13.08 4.21 -19.53
CA ASP B 421 14.74 4.40 -22.89
CA PHE B 422 18.07 5.81 -23.75
CA GLY B 423 18.54 9.35 -25.14
CA SER B 424 22.10 10.15 -26.40
CA LEU B 425 24.26 12.36 -28.51
CA GLY B 426 25.50 10.68 -31.72
CA GLY B 427 29.23 10.19 -32.37
CA VAL B 428 31.75 8.22 -30.77
CA PHE B 429 29.35 8.44 -27.84
CA THR B 430 26.57 7.94 -30.39
CA SER B 431 28.09 4.75 -31.61
CA ILE B 432 28.65 3.75 -27.98
CA GLY B 433 25.02 4.47 -27.19
CA LYS B 434 23.99 2.46 -30.16
CA ALA B 435 26.19 -0.43 -29.05
CA LEU B 436 24.75 -0.20 -25.53
CA HIS B 437 21.28 -0.17 -27.09
CA GLN B 438 22.22 -3.24 -29.12
CA VAL B 439 23.66 -4.96 -26.03
CA PHE B 440 20.50 -4.05 -24.16
CA GLY B 441 18.39 -5.62 -26.91
CA ALA B 442 20.55 -8.75 -27.08
CA ILE B 443 20.25 -8.76 -23.37
CA TYR B 444 16.46 -8.27 -23.41
CA GLY B 445 15.56 -11.80 -22.27
CA ALA B 446 11.78 -12.25 -22.15
CA ALA B 447 9.30 -9.44 -21.49
CA PHE B 448 6.65 -10.76 -19.07
CA SER B 449 3.39 -8.62 -17.96
CA GLY B 450 1.27 -10.35 -15.31
CA VAL B 451 4.12 -11.28 -13.28
CA SER B 452 5.11 -7.86 -11.92
CA TRP B 453 5.58 -10.07 -8.86
CA THR B 454 6.71 -13.09 -10.85
CA MET B 455 9.04 -11.07 -13.06
CA LYS B 456 10.37 -9.72 -9.76
CA ILE B 457 10.47 -13.13 -8.09
CA LEU B 458 12.49 -14.71 -10.84
CA ILE B 459 14.77 -11.59 -11.01
CA GLY B 460 15.42 -12.13 -7.30
CA VAL B 461 15.71 -15.93 -7.35
CA ILE B 462 18.13 -15.38 -10.35
CA ILE B 463 20.39 -13.16 -8.15
CA THR B 464 20.40 -15.99 -5.65
CA TRP B 465 21.60 -18.40 -8.38
CA ILE B 466 24.74 -16.29 -8.83
CA GLY B 467 25.00 -14.58 -5.58
CA MET B 468 27.35 -17.42 -4.59
CA ASN B 469 30.55 -15.84 -5.99
CA SER B 470 32.47 -18.62 -5.15
CA ARG B 471 36.22 -18.96 -5.34
CA SER B 472 36.69 -18.79 -9.16
CA THR B 473 37.35 -15.68 -11.04
CA SER B 474 35.07 -16.05 -14.03
CA LEU B 475 32.31 -13.86 -15.47
CA SER B 476 30.08 -15.08 -12.80
CA VAL B 477 30.43 -11.89 -10.73
CA SER B 478 29.13 -10.12 -13.85
CA LEU B 479 26.00 -12.32 -13.84
CA VAL B 480 25.38 -11.52 -10.20
CA LEU B 481 25.86 -7.78 -10.82
CA VAL B 482 23.45 -7.94 -13.76
CA GLY B 483 20.74 -9.73 -11.72
CA ILE B 484 21.05 -7.09 -9.01
CA VAL B 485 20.09 -4.45 -11.61
CA THR B 486 17.37 -6.64 -13.11
CA LEU B 487 15.54 -7.03 -9.79
CA TYR B 488 16.16 -3.36 -8.90
CA LEU B 489 13.96 -2.31 -11.83
CA GLY B 490 11.72 -5.34 -11.49
CA VAL B 491 11.07 -4.21 -7.89
CA MET B 492 10.19 -0.57 -8.81
CA VAL B 493 7.92 -2.01 -11.52
CA GLN B 494 5.97 -3.94 -8.87
CA ALA B 495 6.02 -0.79 -6.79
CA MET C 1 -40.67 -50.75 -7.28
CA ARG C 2 -39.05 -47.38 -6.52
CA CYS C 3 -35.52 -48.58 -6.03
CA ILE C 4 -35.46 -50.12 -9.57
CA GLY C 5 -35.41 -46.45 -10.67
CA ILE C 6 -31.83 -45.80 -9.52
CA SER C 7 -28.36 -47.32 -9.99
CA ASN C 8 -27.48 -46.95 -6.29
CA ARG C 9 -29.48 -49.75 -4.67
CA ASP C 10 -28.78 -52.05 -1.72
CA PHE C 11 -30.50 -55.26 -0.68
CA VAL C 12 -31.09 -56.02 3.00
CA GLU C 13 -32.40 -59.42 4.03
CA GLY C 14 -33.76 -60.65 7.35
CA VAL C 15 -33.84 -64.44 7.98
CA SER C 16 -35.78 -66.50 10.56
CA GLY C 17 -36.53 -64.54 13.73
CA GLY C 18 -35.21 -61.27 12.20
CA SER C 19 -37.91 -58.78 13.26
CA TRP C 20 -35.77 -55.60 13.33
CA VAL C 21 -33.40 -54.26 10.67
CA ASP C 22 -30.76 -51.53 10.98
CA ILE C 23 -29.98 -49.65 7.77
CA VAL C 24 -27.67 -46.79 6.78
CA LEU C 25 -29.69 -44.70 4.33
CA GLU C 26 -27.89 -42.22 2.10
CA HIS C 27 -29.31 -39.55 -0.10
CA GLY C 28 -29.43 -40.71 -3.70
CA SER C 29 -29.64 -44.37 -2.55
CA CYS C 30 -32.41 -46.88 -2.04
CA VAL C 31 -32.76 -50.05 0.01
CA THR C 32 -34.90 -53.08 -0.71
CA THR C 33 -35.74 -55.04 2.34
CA MET C 34 -36.89 -58.65 1.99
CA ALA C 35 -37.74 -61.04 4.82
CA LYS C 36 -39.39 -64.45 5.13
CA ASN C 37 -43.15 -64.21 5.56
CA LYS C 38 -43.01 -60.39 5.21
CA PRO C 39 -44.07 -58.19 2.24
CA THR C 40 -40.89 -56.63 0.72
CA LEU C 41 -40.33 -52.90 1.20
CA ASP C 42 -38.32 -50.11 -0.37
CA PHE C 43 -36.92 -47.43 1.86
CA GLU C 44 -34.71 -44.42 1.32
CA LEU C 45 -33.64 -41.10 2.70
CA ILE C 46 -35.30 -38.51 0.47
CA LYS C 47 -34.14 -35.20 1.89
CA THR C 48 -32.14 -33.35 4.53
CA GLU C 49 -32.98 -29.67 5.14
CA ALA C 50 -33.75 -26.85 7.55
CA LYS C 51 -36.30 -24.09 6.95
CA GLN C 52 -35.04 -20.53 7.42
CA PRO C 53 -31.49 -21.39 8.66
CA ALA C 54 -29.75 -18.54 10.52
CA THR C 55 -27.78 -16.23 8.22
CA LEU C 56 -24.18 -15.34 8.95
CA ARG C 57 -22.34 -12.65 6.97
CA LYS C 58 -23.46 -11.35 3.63
CA TYR C 59 -20.72 -10.45 1.15
CA CYS C 60 -20.80 -8.02 -1.75
CA ILE C 61 -19.51 -9.29 -5.05
CA GLU C 62 -19.97 -6.09 -7.06
CA ALA C 63 -19.79 -2.66 -5.53
CA LYS C 64 -22.09 0.15 -6.73
CA LEU C 65 -20.29 3.47 -6.30
CA THR C 66 -21.85 6.93 -6.52
CA ASN C 67 -21.43 10.58 -5.49
CA THR C 68 -17.64 10.86 -5.84
CA THR C 69 -16.49 13.93 -3.90
CA THR C 70 -13.03 15.53 -3.78
CA ASP C 71 -11.61 18.27 -1.54
CA SER C 72 -8.16 19.79 -1.99
CA ARG C 73 -6.23 22.52 -0.21
CA CYS C 74 -3.20 24.63 -1.12
CA PRO C 75 0.17 23.93 0.64
CA THR C 76 -0.55 26.44 3.46
CA GLN C 77 -4.34 25.95 3.78
CA GLY C 78 -4.06 22.89 6.08
CA GLU C 79 -5.98 19.60 5.84
CA PRO C 80 -8.72 19.04 3.21
CA THR C 81 -11.83 17.47 4.71
CA LEU C 82 -15.15 16.17 3.69
CA ASN C 83 -18.31 15.29 5.81
CA GLU C 84 -18.36 11.77 4.15
CA GLU C 85 -15.01 10.98 5.87
CA GLN C 86 -17.11 10.51 9.03
CA ASP C 87 -20.16 8.80 7.51
CA LYS C 88 -20.46 5.02 7.26
CA ARG C 89 -21.24 3.75 3.69
CA PHE C 90 -18.36 5.79 2.24
CA VAL C 91 -14.83 4.86 1.18
CA CYS C 92 -12.27 7.61 1.27
CA LYS C 93 -8.57 8.12 0.66
CA HIS C 94 -6.45 11.03 1.88
CA SER C 95 -3.26 11.88 -0.01
CA MET C 96 -1.15 14.82 -1.25
CA VAL C 97 -1.05 16.42 -4.69
CA ASP C 98 1.52 18.70 -6.31
CA ARG C 99 0.25 22.29 -6.25
CA GLY C 100 1.55 25.65 -7.49
CA TRP C 101 0.62 28.77 -9.49
CA GLY C 102 -0.56 26.44 -12.31
CA ASN C 103 -3.49 25.29 -10.13
CA GLY C 104 -4.08 28.56 -8.21
CA CYS C 105 -1.88 28.17 -5.11
CA GLY C 106 0.42 30.87 -3.67
CA LEU C 107 3.18 28.29 -3.10
CA PHE C 108 4.58 25.35 -5.04
CA GLY C 109 4.50 22.20 -2.92
CA LYS C 110 2.34 19.42 -1.50
CA GLY C 111 -1.35 20.15 -0.90
CA GLY C 112 -3.76 17.97 1.05
CA ILE C 113 -6.41 16.11 -0.98
CA VAL C 114 -9.21 13.71 0.00
CA THR C 115 -11.65 11.76 -2.14
CA CYS C 116 -14.71 9.78 -1.12
CA ALA C 117 -17.31 7.63 -2.78
CA MET C 118 -20.57 6.17 -1.46
CA PHE C 119 -20.35 2.42 -1.53
CA THR C 120 -23.34 0.14 -1.85
CA CYS C 121 -23.68 -3.45 -2.98
CA LYS C 122 -24.91 -4.53 -6.37
CA LYS C 123 -25.14 -8.34 -5.75
CA ASN C 124 -24.67 -10.66 -2.67
CA MET C 125 -23.13 -13.92 -1.43
CA GLU C 126 -24.89 -15.01 1.75
CA GLY C 127 -23.90 -17.78 4.17
CA LYS C 128 -26.30 -19.88 6.26
CA ILE C 129 -25.65 -22.20 9.22
CA VAL C 130 -27.67 -25.22 10.30
CA GLN C 131 -28.99 -25.87 13.78
CA PRO C 132 -28.78 -29.66 14.47
CA GLU C 133 -31.99 -29.33 16.58
CA ASN C 134 -34.00 -27.87 13.64
CA LEU C 135 -32.68 -29.96 10.72
CA GLU C 136 -35.15 -32.34 9.03
CA TYR C 137 -34.59 -35.76 7.58
CA THR C 138 -37.30 -37.22 5.40
CA VAL C 139 -37.58 -40.95 4.75
CA VAL C 140 -40.01 -42.68 2.39
CA ILE C 141 -41.32 -46.21 2.48
CA THR C 142 -42.99 -48.09 -0.39
CA PRO C 143 -44.48 -51.62 -0.24
CA HIS C 144 -43.87 -54.17 -3.01
CA SER C 145 -47.44 -54.50 -4.37
CA GLY C 146 -46.50 -56.20 -7.69
CA GLU C 147 -48.22 -53.25 -9.43
CA GLU C 148 -48.04 -53.16 -13.25
CA HIS C 149 -46.40 -49.78 -12.67
CA ALA C 150 -44.75 -47.44 -11.57
CA VAL C 151 -42.42 -45.22 -13.53
CA GLY C 152 -40.30 -42.49 -11.88
CA ASN C 153 -42.67 -39.74 -13.13
CA ASP C 154 -45.67 -41.58 -11.59
CA THR C 155 -46.85 -41.73 -7.96
CA GLY C 156 -47.16 -45.05 -6.09
CA LYS C 157 -50.42 -44.88 -4.08
CA HIS C 158 -48.87 -46.97 -1.26
CA GLY C 159 -45.85 -44.67 -0.68
CA LYS C 160 -45.56 -43.21 2.84
CA GLU C 161 -43.42 -40.39 4.21
CA VAL C 162 -41.81 -39.96 7.63
CA LYS C 163 -39.98 -36.88 8.97
CA ILE C 164 -37.46 -36.95 11.79
CA THR C 165 -35.88 -34.33 13.98
CA PRO C 166 -33.48 -34.85 16.96
CA GLN C 167 -36.47 -34.48 19.35
CA SER C 168 -38.71 -36.87 17.36
CA SER C 169 -36.77 -39.99 16.35
CA ILE C 170 -39.58 -42.59 16.12
CA THR C 171 -42.50 -42.87 13.71
CA GLU C 172 -45.08 -45.59 13.15
CA ALA C 173 -46.43 -45.81 9.61
CA GLU C 174 -49.50 -47.65 8.35
CA LEU C 175 -48.67 -49.34 5.06
CA THR C 176 -52.23 -49.73 3.82
CA GLY C 177 -53.38 -53.39 4.27
CA TYR C 178 -49.74 -54.51 4.92
CA GLY C 179 -49.87 -53.39 8.59
CA THR C 180 -47.70 -51.06 10.54
CA VAL C 181 -43.96 -50.44 10.24
CA THR C 182 -41.90 -48.60 12.81
CA MET C 183 -38.99 -46.31 11.92
CA GLU C 184 -36.42 -45.07 14.41
CA CYS C 185 -33.91 -42.78 12.67
CA SER C 186 -31.31 -40.93 14.73
CA PRO C 187 -30.51 -37.40 13.38
CA ARG C 188 -27.44 -37.46 15.66
CA THR C 189 -26.04 -40.34 13.56
CA GLY C 190 -26.28 -38.03 10.49
CA LEU C 191 -23.87 -35.58 9.02
CA ASP C 192 -21.95 -33.25 11.33
CA PHE C 193 -22.61 -29.68 10.29
CA ASN C 194 -20.38 -27.66 12.65
CA GLU C 195 -18.10 -26.42 9.81
CA MET C 196 -20.81 -26.32 7.12
CA VAL C 197 -22.06 -23.11 5.51
CA LEU C 198 -24.66 -23.01 2.74
CA LEU C 199 -23.62 -20.35 0.30
CA GLN C 200 -26.28 -18.62 -1.76
CA MET C 201 -25.84 -16.09 -4.55
CA LYS C 202 -28.85 -15.12 -6.68
CA ASP C 203 -29.56 -18.75 -7.69
CA LYS C 204 -29.09 -22.10 -5.93
CA ALA C 205 -26.31 -22.97 -3.63
CA TRP C 206 -23.08 -24.58 -2.55
CA LEU C 207 -21.91 -26.35 0.57
CA VAL C 208 -18.72 -24.66 1.67
CA HIS C 209 -16.32 -24.90 4.64
CA ARG C 210 -16.88 -22.26 7.36
CA GLN C 211 -13.21 -21.24 7.51
CA TRP C 212 -13.06 -20.61 3.75
CA PHE C 213 -16.29 -18.57 3.87
CA LEU C 214 -15.07 -16.43 6.80
CA ASP C 215 -11.87 -15.59 4.91
CA LEU C 216 -13.49 -14.11 1.79
CA PRO C 217 -11.63 -10.92 0.76
CA LEU C 218 -14.93 -9.10 0.10
CA PRO C 219 -17.02 -6.28 1.66
CA TRP C 220 -19.34 -7.81 4.26
CA LEU C 221 -22.15 -6.95 6.64
CA PRO C 222 -24.84 -8.52 8.83
CA GLY C 223 -28.28 -8.94 7.48
CA ALA C 224 -29.71 -8.67 10.79
CA ASP C 225 -32.90 -6.62 10.76
CA THR C 226 -32.76 -6.65 6.91
CA GLN C 227 -30.05 -4.04 7.56
CA GLY C 228 -26.84 -3.76 8.41
CA SER C 229 -27.26 -0.59 6.30
CA ASN C 230 -23.58 -0.31 5.38
CA TRP C 231 -20.80 -2.63 4.27
CA ILE C 232 -17.62 -3.08 6.19
CA GLN C 233 -14.38 -3.40 4.31
CA LYS C 234 -15.91 -1.84 1.19
CA GLU C 235 -12.43 -0.60 0.13
CA THR C 236 -11.75 -4.24 -0.90
CA LEU C 237 -13.49 -3.48 -4.26
CA VAL C 238 -12.38 0.05 -4.59
CA THR C 239 -9.33 1.87 -5.46
CA PHE C 240 -10.23 5.54 -5.29
CA LYS C 241 -7.30 5.04 -7.61
CA ASN C 242 -3.97 6.85 -7.55
CA PRO C 243 -3.87 10.32 -9.03
CA HIS C 244 -2.40 10.96 -12.38
CA ALA C 245 -2.22 14.54 -13.58
CA LYS C 246 -5.81 15.96 -13.45
CA LYS C 247 -7.62 12.63 -13.06
CA GLN C 248 -8.47 10.23 -10.24
CA ASP C 249 -10.52 7.12 -10.79
CA VAL C 250 -13.28 6.10 -8.60
CA VAL C 251 -12.01 2.68 -9.87
CA VAL C 252 -14.22 -0.22 -9.23
CA LEU C 253 -12.75 -3.76 -9.31
CA GLY C 254 -15.85 -4.98 -11.12
CA SER C 255 -18.04 -8.03 -10.57
CA GLN C 256 -16.36 -10.77 -8.49
CA GLU C 257 -18.93 -13.43 -9.47
CA GLY C 258 -16.69 -15.03 -12.10
CA ALA C 259 -13.80 -15.06 -9.58
CA MET C 260 -15.91 -16.79 -6.91
CA HIS C 261 -17.40 -19.33 -9.37
CA THR C 262 -13.84 -20.47 -10.23
CA ALA C 263 -13.19 -21.07 -6.51
CA LEU C 264 -16.52 -22.94 -6.28
CA THR C 265 -15.71 -25.48 -8.99
CA GLY C 266 -15.28 -28.89 -7.32
CA ALA C 267 -17.25 -27.74 -4.23
CA THR C 268 -20.41 -29.75 -3.55
CA GLU C 269 -23.69 -28.14 -4.62
CA ILE C 270 -26.69 -27.85 -2.32
CA GLN C 271 -30.24 -26.77 -3.19
CA MET C 272 -32.75 -24.11 -1.98
CA SER C 273 -36.53 -24.63 -2.37
CA SER C 274 -38.31 -21.47 -1.17
CA GLY C 275 -35.65 -21.50 1.60
CA ASN C 276 -35.95 -25.29 2.05
CA LEU C 277 -32.44 -26.41 1.14
CA LEU C 278 -31.73 -30.09 0.25
CA PHE C 279 -28.62 -32.26 0.47
CA THR C 280 -27.24 -35.79 0.29
CA GLY C 281 -25.51 -37.26 3.40
CA HIS C 282 -26.82 -40.16 5.47
CA LEU C 283 -28.64 -41.50 8.53
CA LYS C 284 -29.08 -44.84 10.27
CA CYS C 285 -32.59 -46.07 10.97
CA ARG C 286 -34.05 -49.17 12.65
CA LEU C 287 -37.02 -50.77 10.88
CA ARG C 288 -39.53 -52.85 12.81
CA MET C 289 -41.22 -55.45 10.60
CA ASP C 290 -43.07 -57.48 13.26
CA LYS C 291 -46.41 -55.81 12.42
CA LEU C 292 -46.27 -56.43 8.67
CA GLN C 293 -48.46 -59.02 7.04
CA LEU C 294 -48.14 -60.38 3.80
CA LYS C 295 -49.98 -61.78 1.24
CA GLY C 296 -51.05 -65.05 -0.26
CA MET C 297 -49.36 -67.68 1.92
CA SER C 298 -52.56 -69.82 2.25
CA TYR C 299 -53.53 -69.83 -1.44
CA SER C 300 -53.25 -73.09 -3.39
CA MET C 301 -50.64 -73.34 -6.15
CA CYS C 302 -51.57 -73.89 -9.79
CA THR C 303 -49.22 -75.93 -11.98
CA GLY C 304 -50.78 -75.04 -15.35
CA LYS C 305 -51.96 -71.98 -17.32
CA PHE C 306 -48.88 -69.79 -17.71
CA LYS C 307 -47.58 -67.79 -20.64
CA VAL C 308 -44.93 -65.10 -21.00
CA VAL C 309 -46.19 -61.54 -21.32
CA LYS C 310 -42.59 -60.29 -20.94
CA GLU C 311 -39.87 -62.92 -21.49
CA ILE C 312 -36.85 -63.03 -19.24
CA ALA C 313 -34.76 -59.87 -19.51
CA GLU C 314 -31.57 -58.55 -17.93
CA THR C 315 -32.49 -55.85 -15.40
CA GLN C 316 -29.06 -54.10 -15.38
CA HIS C 317 -28.68 -54.97 -11.67
CA GLY C 318 -27.44 -58.56 -12.22
CA THR C 319 -31.02 -59.77 -11.75
CA ILE C 320 -33.65 -61.11 -14.16
CA VAL C 321 -37.09 -59.54 -14.65
CA ILE C 322 -40.17 -61.11 -16.31
CA ARG C 323 -43.90 -61.01 -16.31
CA VAL C 324 -46.29 -63.95 -16.75
CA GLN C 325 -50.02 -64.19 -17.47
CA TYR C 326 -52.31 -66.75 -15.86
CA GLU C 327 -55.60 -67.96 -17.40
CA GLY C 328 -56.71 -70.15 -14.52
CA ASP C 329 -58.74 -69.60 -11.46
CA GLY C 330 -56.59 -70.77 -8.63
CA SER C 331 -58.98 -68.13 -7.18
CA PRO C 332 -55.81 -66.02 -6.13
CA CYS C 333 -52.94 -68.58 -6.26
CA LYS C 334 -49.23 -68.93 -5.64
CA ILE C 335 -46.95 -68.92 -8.69
CA PRO C 336 -44.82 -72.12 -8.89
CA PHE C 337 -41.54 -70.45 -9.90
CA GLU C 338 -38.10 -72.11 -9.90
CA ILE C 339 -35.00 -72.35 -12.09
CA MET C 340 -32.40 -75.08 -12.66
CA ASP C 341 -28.85 -75.06 -13.99
CA LEU C 342 -28.57 -76.85 -17.33
CA GLU C 343 -27.67 -80.50 -16.49
CA LYS C 344 -29.07 -80.51 -12.93
CA ARG C 345 -32.59 -81.08 -11.63
CA HIS C 346 -32.96 -79.08 -8.41
CA VAL C 347 -34.80 -76.00 -7.11
CA LEU C 348 -32.73 -73.00 -5.98
CA GLY C 349 -33.41 -69.33 -5.23
CA ARG C 350 -33.05 -66.50 -5.44
CA LEU C 351 -36.34 -64.61 -5.61
CA ILE C 352 -36.41 -60.87 -4.89
CA THR C 353 -40.19 -60.72 -5.32
CA VAL C 354 -41.67 -62.28 -2.17
CA ASN C 355 -44.20 -65.14 -2.43
CA PRO C 356 -45.13 -64.50 -6.12
CA ILE C 357 -48.92 -64.84 -6.33
CA VAL C 358 -51.59 -64.19 -9.05
CA THR C 359 -54.87 -62.70 -7.82
CA GLU C 360 -58.27 -62.70 -9.50
CA LYS C 361 -58.47 -59.39 -7.68
CA ASP C 362 -56.41 -58.02 -10.64
CA SER C 363 -52.62 -57.96 -10.24
CA PRO C 364 -49.53 -60.14 -9.65
CA VAL C 365 -47.40 -61.69 -12.47
CA ASN C 366 -44.15 -59.65 -12.25
CA ILE C 367 -41.13 -61.52 -10.87
CA GLU C 368 -37.53 -60.43 -10.27
CA ALA C 369 -34.98 -63.13 -9.39
CA GLU C 370 -31.20 -63.67 -9.25
CA PRO C 371 -29.69 -66.71 -11.05
CA PRO C 372 -26.12 -68.11 -10.94
CA PHE C 373 -23.81 -67.51 -13.93
CA GLY C 374 -24.09 -69.86 -16.92
CA ASP C 375 -26.96 -71.64 -18.70
CA SER C 376 -30.15 -71.97 -16.72
CA TYR C 377 -33.79 -72.79 -17.38
CA ILE C 378 -36.59 -70.84 -15.75
CA ILE C 379 -39.77 -72.58 -14.84
CA ILE C 380 -43.27 -71.41 -14.07
CA GLY C 381 -43.47 -75.05 -15.63
CA VAL C 382 -44.49 -77.49 -13.68
CA GLU C 383 -47.21 -79.34 -13.40
CA PRO C 384 -48.54 -80.49 -16.80
CA GLY C 385 -47.46 -78.10 -19.15
CA GLN C 386 -45.38 -76.05 -17.24
CA LEU C 387 -44.04 -72.76 -18.75
CA LYS C 388 -40.25 -72.67 -19.30
CA LEU C 389 -37.57 -70.39 -20.76
CA ASP C 390 -33.87 -70.63 -21.46
CA TRP C 391 -31.65 -68.14 -19.71
CA PHE C 392 -27.94 -67.48 -20.00
CA LYS C 393 -26.78 -65.54 -16.94
CA LYS C 394 -24.00 -62.95 -17.32
CA GLN C 400 -15.37 -68.81 -11.58
CA MET C 401 -13.48 -66.03 -13.24
CA PHE C 402 -16.67 -63.99 -13.60
CA GLU C 403 -17.52 -64.61 -9.95
CA THR C 404 -13.99 -63.53 -9.03
CA THR C 405 -14.47 -60.42 -11.18
CA MET C 406 -17.84 -59.76 -9.52
CA ARG C 407 -16.25 -60.20 -6.13
CA GLY C 408 -13.48 -57.76 -7.01
CA ALA C 409 -16.05 -55.25 -8.28
CA LYS C 410 -17.97 -55.73 -5.03
CA ARG C 411 -14.74 -55.17 -3.11
CA MET C 412 -13.99 -52.07 -5.20
CA ALA C 413 -17.48 -50.81 -4.55
CA ILE C 414 -17.07 -51.36 -0.81
CA LEU C 415 -13.73 -49.55 -0.87
CA GLY C 416 -15.44 -46.73 -2.85
CA ASP C 417 -18.24 -46.66 -0.16
CA THR C 418 -15.55 -46.55 2.60
CA ALA C 419 -13.80 -43.84 0.35
CA TRP C 420 -17.11 -42.04 0.82
CA ASP C 421 -17.72 -42.80 4.44
CA PHE C 422 -17.59 -46.10 6.17
CA GLY C 423 -20.72 -48.19 6.90
CA SER C 424 -20.12 -51.24 9.21
CA LEU C 425 -21.65 -53.79 11.47
CA GLY C 426 -20.90 -53.19 15.17
CA GLY C 427 -18.99 -55.75 17.24
CA VAL C 428 -15.63 -56.98 17.13
CA PHE C 429 -15.86 -55.76 13.53
CA THR C 430 -17.72 -52.75 14.91
CA SER C 431 -14.91 -51.91 17.22
CA ILE C 432 -12.50 -52.51 14.34
CA GLY C 433 -14.49 -50.20 12.14
CA LYS C 434 -14.48 -47.63 14.85
CA ALA C 435 -10.72 -47.97 15.24
CA LEU C 436 -10.27 -47.66 11.48
CA HIS C 437 -12.52 -44.59 11.59
CA GLN C 438 -10.38 -43.19 14.40
CA VAL C 439 -7.18 -43.99 12.48
CA PHE C 440 -8.72 -42.36 9.43
CA GLY C 441 -9.47 -39.23 11.44
CA ALA C 442 -6.02 -39.14 13.04
CA ILE C 443 -4.78 -39.64 9.56
CA TYR C 444 -6.98 -36.88 8.10
CA GLY C 445 -4.16 -34.39 7.44
CA ALA C 446 -5.54 -31.14 6.02
CA ALA C 447 -8.72 -30.89 3.93
CA PHE C 448 -8.02 -28.51 1.04
CA SER C 449 -10.87 -27.35 -1.62
CA GLY C 450 -9.51 -25.21 -4.46
CA VAL C 451 -6.66 -27.35 -5.06
CA SER C 452 -8.42 -30.37 -6.62
CA TRP C 453 -5.30 -30.10 -8.78
CA THR C 454 -3.09 -28.90 -5.94
CA MET C 455 -4.43 -31.45 -3.48
CA LYS C 456 -3.64 -33.95 -6.25
CA ILE C 457 -0.25 -32.42 -7.04
CA LEU C 458 0.94 -32.59 -3.48
CA ILE C 459 -0.54 -36.15 -3.10
CA GLY C 460 1.58 -37.11 -6.12
CA VAL C 461 4.74 -35.18 -5.20
CA ILE C 462 4.34 -36.80 -1.70
CA ILE C 463 4.46 -40.31 -3.30
CA THR C 464 7.64 -39.23 -5.00
CA TRP C 465 9.12 -38.28 -1.60
CA ILE C 466 8.76 -41.88 -0.44
CA GLY C 467 8.73 -43.71 -3.63
CA MET C 468 12.47 -44.19 -3.10
CA ASN C 469 12.20 -47.35 -0.95
CA SER C 470 15.64 -47.48 -0.45
CA ARG C 471 17.63 -50.25 1.17
CA SER C 472 16.30 -49.95 4.78
CA THR C 473 13.42 -51.86 6.11
CA SER C 474 11.54 -49.22 8.05
CA LEU C 475 7.96 -47.98 7.90
CA SER C 476 8.86 -46.04 4.89
CA VAL C 477 7.23 -48.55 2.50
CA SER C 478 4.05 -47.88 4.50
CA LEU C 479 4.34 -44.14 3.78
CA VAL C 480 4.74 -44.82 0.07
CA LEU C 481 1.75 -47.20 0.06
CA VAL C 482 -0.35 -44.59 1.86
CA GLY C 483 0.55 -41.82 -0.62
CA ILE C 484 -0.40 -44.12 -3.50
CA VAL C 485 -3.93 -44.33 -2.02
CA THR C 486 -4.04 -40.60 -1.24
CA LEU C 487 -3.36 -39.60 -4.84
CA TYR C 488 -5.66 -42.35 -6.15
CA LEU C 489 -8.63 -40.60 -4.53
CA GLY C 490 -7.13 -37.15 -5.05
CA VAL C 491 -7.03 -38.00 -8.79
CA MET C 492 -10.68 -39.18 -9.00
CA VAL C 493 -11.61 -36.01 -7.11
CA GLN C 494 -10.02 -33.88 -9.84
CA ALA C 495 -11.74 -36.13 -12.35
CA SER D 21 -3.07 -2.16 26.16
CA SER D 22 -1.26 0.47 28.11
CA GLU D 23 1.97 -1.51 27.97
CA GLY D 24 1.53 -2.01 24.22
CA ALA D 25 0.91 1.71 23.93
CA TRP D 26 4.09 2.35 25.92
CA LYS D 27 6.03 -0.15 23.80
CA HIS D 28 4.72 1.50 20.68
CA ALA D 29 5.79 4.92 21.94
CA GLN D 30 9.25 3.55 22.77
CA ARG D 31 9.43 2.08 19.30
CA ILE D 32 8.44 5.46 17.85
CA GLU D 33 10.96 7.25 20.08
CA THR D 34 13.76 4.90 18.92
CA TRP D 35 12.73 5.41 15.29
CA ILE D 36 12.81 9.19 15.71
CA LEU D 37 15.99 8.09 17.09
CA ARG D 38 17.82 8.90 13.77
CA HIS D 39 21.00 10.33 15.25
CA PRO D 40 23.89 8.52 15.29
CA GLY D 41 24.53 7.75 18.98
CA PHE D 42 22.37 4.75 18.39
CA THR D 43 24.85 3.63 15.64
CA ILE D 44 28.14 4.37 17.59
CA MET D 45 26.50 2.48 20.38
CA ALA D 46 26.31 -0.72 18.38
CA ALA D 47 29.98 -0.21 17.54
CA ILE D 48 30.70 -0.01 21.23
CA LEU D 49 29.06 -3.40 21.19
CA ALA D 50 30.21 -5.05 17.93
CA TYR D 51 32.77 -7.19 19.74
CA THR D 52 29.90 -9.19 21.23
CA ILE D 53 28.23 -9.98 17.83
CA GLY D 54 29.34 -13.59 17.26
CA THR D 55 26.48 -14.90 19.49
CA THR D 56 28.07 -17.53 21.57
CA HIS D 57 30.44 -15.11 23.16
CA PHE D 58 29.09 -14.09 26.67
CA GLN D 59 30.30 -10.51 26.14
CA ARG D 60 27.48 -10.17 23.65
CA VAL D 61 25.13 -10.18 26.61
CA LEU D 62 26.69 -6.87 27.73
CA ILE D 63 26.13 -5.45 24.24
CA PHE D 64 22.54 -6.65 24.10
CA ILE D 65 21.89 -5.16 27.55
CA LEU D 66 23.48 -1.80 26.51
CA LEU D 67 21.06 -1.77 23.51
CA THR D 68 18.06 -2.07 25.87
CA ALA D 69 19.54 0.45 28.25
CA ILE D 70 19.92 3.05 25.48
CA ALA D 71 16.51 2.59 23.87
CA PRO D 72 14.95 3.31 27.25
CA SER D 73 17.39 6.15 27.87
CA MET D 74 16.47 7.48 24.45
CA THR D 75 12.70 7.57 24.96
CA SER E 21 -13.20 -30.31 -15.67
CA SER E 22 -12.33 -27.11 -13.93
CA GLU E 23 -8.96 -28.48 -12.88
CA GLY E 24 -8.31 -29.68 -16.44
CA ALA E 25 -9.30 -26.23 -17.63
CA TRP E 26 -6.89 -24.70 -15.12
CA LYS E 27 -4.14 -27.15 -16.15
CA HIS E 28 -4.77 -26.29 -19.76
CA ALA E 29 -4.52 -22.58 -19.03
CA GLN E 30 -1.27 -23.16 -17.12
CA ARG E 31 0.03 -25.13 -20.08
CA ILE E 32 -0.97 -22.27 -22.38
CA GLU E 33 0.63 -19.72 -20.03
CA THR E 34 3.91 -21.70 -19.98
CA TRP E 35 3.83 -21.97 -23.77
CA ILE E 36 3.31 -18.23 -24.14
CA LEU E 37 6.12 -18.51 -21.84
CA ARG E 38 8.64 -17.95 -24.72
CA HIS E 39 11.11 -15.76 -22.85
CA PRO E 40 14.09 -17.00 -21.75
CA GLY E 41 13.82 -17.02 -17.94
CA PHE E 42 12.29 -20.41 -18.40
CA THR E 43 15.53 -21.52 -20.18
CA ILE E 44 18.06 -19.89 -17.70
CA MET E 45 15.99 -21.55 -15.05
CA ALA E 46 16.75 -25.02 -16.34
CA ALA E 47 20.41 -24.02 -16.35
CA ILE E 48 20.09 -23.08 -12.74
CA LEU E 49 18.97 -26.67 -12.45
CA ALA E 50 21.15 -28.60 -14.94
CA TYR E 51 23.38 -29.93 -12.16
CA THR E 52 20.50 -32.13 -11.03
CA ILE E 53 19.92 -33.75 -14.48
CA GLY E 54 21.57 -37.16 -14.02
CA THR E 55 18.42 -38.57 -12.33
CA THR E 56 19.72 -40.49 -9.42
CA HIS E 57 21.25 -37.46 -7.85
CA PHE E 58 18.89 -36.12 -5.04
CA GLN E 59 19.73 -32.53 -6.00
CA ARG E 60 17.67 -33.11 -9.11
CA VAL E 61 14.62 -33.04 -6.86
CA LEU E 62 15.39 -29.37 -6.11
CA ILE E 63 15.61 -28.66 -9.84
CA PHE E 64 12.38 -30.48 -10.59
CA ILE E 65 10.64 -28.58 -7.77
CA LEU E 66 12.01 -25.22 -9.08
CA LEU E 67 10.50 -26.12 -12.50
CA THR E 68 7.04 -26.53 -10.92
CA ALA E 69 7.50 -23.44 -8.83
CA ILE E 70 8.27 -21.31 -11.90
CA ALA E 71 5.49 -22.62 -14.15
CA PRO E 72 3.00 -21.64 -11.45
CA SER E 73 4.82 -18.36 -10.88
CA MET E 74 4.67 -17.79 -14.62
CA THR E 75 0.92 -18.28 -15.05
CA SER F 21 -0.56 -2.25 -5.49
CA SER F 22 -2.06 -5.11 -7.38
CA GLU F 23 1.03 -7.23 -6.82
CA GLY F 24 0.97 -6.37 -3.10
CA ALA F 25 -2.69 -7.29 -3.08
CA TRP F 26 -1.83 -10.59 -4.77
CA LYS F 27 1.04 -11.19 -2.33
CA HIS F 28 -1.29 -10.44 0.54
CA ALA F 29 -3.86 -12.90 -0.79
CA GLN F 30 -1.15 -15.55 -1.18
CA ARG F 31 -0.05 -14.87 2.38
CA ILE F 32 -3.67 -15.23 3.52
CA GLU F 33 -4.08 -18.43 1.47
CA THR F 34 -0.93 -19.93 3.03
CA TRP F 35 -2.15 -18.96 6.50
CA ILE F 36 -5.52 -20.59 5.88
CA LEU F 37 -3.11 -23.14 4.90
CA ARG F 38 -3.42 -24.89 8.32
CA HIS F 39 -3.32 -28.48 7.11
CA PRO F 40 -0.50 -30.38 7.46
CA GLY F 41 0.79 -30.91 3.90
CA PHE F 42 2.61 -27.67 4.44
CA THR F 43 4.36 -29.28 7.48
CA ILE F 44 5.19 -32.73 5.85
CA MET F 45 6.51 -30.67 3.01
CA ALA F 46 9.17 -29.04 5.15
CA ALA F 47 10.10 -32.53 6.33
CA ILE F 48 10.54 -33.53 2.73
CA LEU F 49 12.96 -30.66 2.79
CA ALA F 50 14.63 -30.80 6.24
CA TYR F 51 17.78 -32.39 4.81
CA THR F 52 18.58 -29.08 3.16
CA ILE F 53 18.33 -26.99 6.40
CA GLY F 54 22.01 -26.48 7.28
CA THR F 55 22.27 -23.50 4.86
CA THR F 56 25.49 -24.03 3.09
CA HIS F 57 24.38 -27.29 1.62
CA PHE F 58 23.23 -26.72 -2.07
CA GLN F 59 20.41 -29.24 -1.60
CA ARG F 60 18.74 -26.64 0.56
CA VAL F 61 18.07 -24.70 -2.63
CA LEU F 62 15.78 -27.55 -3.75
CA ILE F 63 13.94 -27.37 -0.43
CA PHE F 64 13.59 -23.61 -0.59
CA ILE F 65 12.29 -23.86 -4.16
CA LEU F 66 9.78 -26.60 -3.15
CA LEU F 67 8.50 -24.21 -0.43
CA THR F 68 7.79 -21.52 -3.05
CA ALA F 69 6.30 -24.06 -5.40
CA ILE F 70 3.83 -25.26 -2.77
CA ALA F 71 2.73 -21.85 -1.48
CA PRO F 72 1.76 -20.96 -5.05
CA SER F 73 0.21 -24.39 -5.56
CA MET F 74 -1.69 -23.84 -2.33
CA THR F 75 -3.24 -20.48 -3.23
#